data_3MZF
#
_entry.id   3MZF
#
_cell.length_a   109.78
_cell.length_b   50.35
_cell.length_c   84.29
_cell.angle_alpha   90.00
_cell.angle_beta   120.16
_cell.angle_gamma   90.00
#
_symmetry.space_group_name_H-M   'C 1 2 1'
#
loop_
_entity.id
_entity.type
_entity.pdbx_description
1 polymer 'D-alanyl-D-alanine carboxypeptidase dacA'
2 non-polymer '(5R)-5-[(1S,2R)-1-formyl-2-hydroxypropyl]-3-[(2-{[(E)-iminomethyl]amino}ethyl)sulfanyl]-4,5-dihydro-1H-pyrrole-2-carbox ylic acid'
3 non-polymer GLYCEROL
4 water water
#
_entity_poly.entity_id   1
_entity_poly.type   'polypeptide(L)'
_entity_poly.pdbx_seq_one_letter_code
;DDLNIKTMIPGVPQIDAESYILIDYNSGKVLAEQNADVRRDPASLTKMMTSYVIGQAMKAGKFKETDLVTIGNDAWATGN
PVFKGSSLMFLKPGMQVPVSQLIRGINLQSGNDACVAMADFAAGSQDAFVGLMNSYVNALGLKNTHFQTVHGLDADGQYS
SARDMALIGQALIRDVPNEYSIYKEKEFTFNGIRQLNRNGLLWDNSLNVDGIKTGHTDKAGYNLVASATEGQMRLISAVM
GGRTFKGREAESKKLLTWGFRFFETVNPLKVGKEFASEPVWFGDSDRASLGVDKDVYLTIPRGRMKDLKASYVLNSSELH
APLQKNQVVGTINFQLDGKTIEQRPLVVLQEIPEGNFGDPVID
;
_entity_poly.pdbx_strand_id   A
#
loop_
_chem_comp.id
_chem_comp.type
_chem_comp.name
_chem_comp.formula
GOL non-polymer GLYCEROL 'C3 H8 O3'
IM2 non-polymer '(5R)-5-[(1S,2R)-1-formyl-2-hydroxypropyl]-3-[(2-{[(E)-iminomethyl]amino}ethyl)sulfanyl]-4,5-dihydro-1H-pyrrole-2-carbox ylic acid' 'C12 H19 N3 O4 S'
#
# COMPACT_ATOMS: atom_id res chain seq x y z
N LEU A 3 6.59 -11.15 33.62
CA LEU A 3 7.46 -10.29 32.75
C LEU A 3 7.89 -11.02 31.47
N ASN A 4 8.30 -12.28 31.59
CA ASN A 4 8.80 -13.06 30.45
C ASN A 4 7.80 -13.21 29.32
N ILE A 5 6.54 -13.39 29.67
CA ILE A 5 5.48 -13.57 28.70
C ILE A 5 5.03 -12.22 28.12
N LYS A 6 5.11 -11.17 28.95
CA LYS A 6 4.76 -9.82 28.51
C LYS A 6 5.77 -9.26 27.52
N THR A 7 7.04 -9.56 27.76
CA THR A 7 8.14 -9.03 26.94
C THR A 7 8.58 -9.97 25.81
N MET A 8 7.83 -11.06 25.61
CA MET A 8 8.14 -12.04 24.57
C MET A 8 8.29 -11.40 23.20
N ILE A 9 9.34 -11.79 22.48
CA ILE A 9 9.46 -11.46 21.06
C ILE A 9 9.09 -12.73 20.27
N PRO A 10 7.94 -12.68 19.54
CA PRO A 10 7.53 -13.90 18.82
C PRO A 10 8.50 -14.34 17.74
N GLY A 11 8.65 -15.64 17.59
CA GLY A 11 9.45 -16.21 16.52
C GLY A 11 8.71 -16.04 15.20
N VAL A 12 9.43 -15.78 14.13
CA VAL A 12 8.81 -15.58 12.83
C VAL A 12 8.70 -16.92 12.10
N PRO A 13 7.54 -17.19 11.47
CA PRO A 13 7.41 -18.42 10.69
C PRO A 13 8.40 -18.46 9.53
N GLN A 14 8.79 -19.67 9.11
CA GLN A 14 9.63 -19.84 7.95
C GLN A 14 8.78 -19.63 6.69
N ILE A 15 9.28 -18.83 5.77
CA ILE A 15 8.52 -18.47 4.57
C ILE A 15 9.25 -18.95 3.32
N ASP A 16 8.57 -19.76 2.51
CA ASP A 16 9.18 -20.40 1.35
C ASP A 16 9.17 -19.47 0.12
N ALA A 17 10.00 -18.44 0.18
CA ALA A 17 10.09 -17.41 -0.85
C ALA A 17 11.42 -16.70 -0.76
N GLU A 18 11.81 -16.05 -1.85
CA GLU A 18 13.06 -15.29 -1.93
C GLU A 18 13.08 -14.05 -1.02
N SER A 19 11.96 -13.35 -0.95
CA SER A 19 11.89 -12.18 -0.08
C SER A 19 10.46 -11.98 0.41
N TYR A 20 10.31 -11.30 1.53
CA TYR A 20 8.98 -10.95 2.00
C TYR A 20 9.06 -9.77 2.95
N ILE A 21 7.89 -9.17 3.17
CA ILE A 21 7.74 -8.18 4.21
C ILE A 21 6.30 -8.22 4.70
N LEU A 22 6.12 -7.86 5.96
CA LEU A 22 4.80 -7.74 6.56
C LEU A 22 4.77 -6.39 7.28
N ILE A 23 3.86 -5.52 6.84
CA ILE A 23 3.72 -4.20 7.47
C ILE A 23 2.32 -3.91 7.96
N ASP A 24 2.22 -3.00 8.92
CA ASP A 24 0.93 -2.47 9.31
C ASP A 24 0.60 -1.26 8.44
N TYR A 25 -0.59 -1.27 7.85
CA TYR A 25 -1.00 -0.24 6.90
C TYR A 25 -1.07 1.14 7.57
N ASN A 26 -1.57 1.17 8.80
CA ASN A 26 -1.82 2.46 9.47
C ASN A 26 -0.58 3.10 10.10
N SER A 27 0.22 2.27 10.76
CA SER A 27 1.42 2.76 11.40
C SER A 27 2.68 2.69 10.54
N GLY A 28 2.67 1.83 9.51
CA GLY A 28 3.87 1.61 8.69
C GLY A 28 4.91 0.73 9.36
N LYS A 29 4.61 0.24 10.57
CA LYS A 29 5.54 -0.63 11.28
C LYS A 29 5.82 -1.89 10.47
N VAL A 30 7.10 -2.23 10.35
CA VAL A 30 7.52 -3.50 9.75
C VAL A 30 7.51 -4.57 10.83
N LEU A 31 6.64 -5.57 10.64
CA LEU A 31 6.47 -6.62 11.64
C LEU A 31 7.46 -7.76 11.44
N ALA A 32 7.75 -8.07 10.19
CA ALA A 32 8.72 -9.11 9.82
C ALA A 32 9.21 -8.83 8.41
N GLU A 33 10.46 -9.21 8.14
CA GLU A 33 11.00 -9.00 6.81
C GLU A 33 12.17 -9.95 6.55
N GLN A 34 12.35 -10.32 5.29
CA GLN A 34 13.57 -11.01 4.84
C GLN A 34 13.88 -10.56 3.43
N ASN A 35 15.11 -10.09 3.23
CA ASN A 35 15.56 -9.66 1.91
C ASN A 35 14.60 -8.65 1.29
N ALA A 36 14.05 -7.77 2.12
CA ALA A 36 12.92 -6.93 1.68
C ALA A 36 13.34 -5.82 0.71
N ASP A 37 14.64 -5.57 0.63
CA ASP A 37 15.16 -4.52 -0.26
C ASP A 37 15.90 -5.07 -1.47
N VAL A 38 15.98 -6.40 -1.58
CA VAL A 38 16.60 -7.01 -2.76
C VAL A 38 15.75 -6.76 -4.00
N ARG A 39 16.41 -6.31 -5.06
CA ARG A 39 15.75 -5.98 -6.32
C ARG A 39 15.44 -7.26 -7.06
N ARG A 40 14.18 -7.38 -7.45
CA ARG A 40 13.64 -8.56 -8.10
C ARG A 40 12.70 -8.16 -9.24
N ASP A 41 12.46 -9.09 -10.14
CA ASP A 41 11.45 -8.94 -11.17
C ASP A 41 10.06 -8.87 -10.54
N PRO A 42 9.36 -7.74 -10.76
CA PRO A 42 8.04 -7.61 -10.13
C PRO A 42 6.95 -8.34 -10.88
N ALA A 43 7.20 -8.68 -12.14
CA ALA A 43 6.19 -9.28 -13.01
C ALA A 43 4.88 -8.49 -12.91
N SER A 44 3.75 -9.18 -12.76
CA SER A 44 2.43 -8.52 -12.79
C SER A 44 2.17 -7.57 -11.65
N LEU A 45 3.00 -7.62 -10.61
CA LEU A 45 2.85 -6.65 -9.51
C LEU A 45 3.03 -5.21 -10.02
N THR A 46 3.72 -5.06 -11.14
CA THR A 46 3.86 -3.77 -11.83
C THR A 46 2.48 -3.10 -12.00
N LYS A 47 1.47 -3.93 -12.23
CA LYS A 47 0.11 -3.44 -12.47
C LYS A 47 -0.51 -2.72 -11.27
N MET A 48 0.03 -2.96 -10.08
CA MET A 48 -0.35 -2.14 -8.95
C MET A 48 -0.05 -0.66 -9.18
N MET A 49 1.10 -0.37 -9.78
CA MET A 49 1.46 1.03 -10.06
C MET A 49 0.64 1.56 -11.23
N THR A 50 0.37 0.71 -12.21
CA THR A 50 -0.53 1.08 -13.32
C THR A 50 -1.88 1.52 -12.75
N SER A 51 -2.42 0.71 -11.86
CA SER A 51 -3.68 1.02 -11.20
C SER A 51 -3.62 2.29 -10.33
N TYR A 52 -2.48 2.50 -9.67
CA TYR A 52 -2.29 3.70 -8.87
C TYR A 52 -2.36 4.95 -9.75
N VAL A 53 -1.68 4.93 -10.89
CA VAL A 53 -1.71 6.07 -11.81
C VAL A 53 -3.13 6.32 -12.30
N ILE A 54 -3.80 5.26 -12.74
CA ILE A 54 -5.18 5.36 -13.20
C ILE A 54 -6.05 5.92 -12.09
N GLY A 55 -5.86 5.39 -10.88
CA GLY A 55 -6.61 5.87 -9.73
C GLY A 55 -6.42 7.36 -9.48
N GLN A 56 -5.18 7.83 -9.59
CA GLN A 56 -4.88 9.25 -9.42
C GLN A 56 -5.57 10.09 -10.50
N ALA A 57 -5.58 9.60 -11.74
CA ALA A 57 -6.20 10.34 -12.83
C ALA A 57 -7.69 10.44 -12.60
N MET A 58 -8.29 9.36 -12.13
CA MET A 58 -9.73 9.39 -11.85
C MET A 58 -10.08 10.28 -10.67
N LYS A 59 -9.25 10.23 -9.64
CA LYS A 59 -9.42 11.11 -8.48
C LYS A 59 -9.37 12.58 -8.89
N ALA A 60 -8.53 12.87 -9.90
CA ALA A 60 -8.35 14.22 -10.42
C ALA A 60 -9.44 14.62 -11.42
N GLY A 61 -10.35 13.70 -11.74
CA GLY A 61 -11.46 13.96 -12.65
C GLY A 61 -11.09 13.94 -14.13
N LYS A 62 -9.97 13.31 -14.47
CA LYS A 62 -9.52 13.29 -15.88
C LYS A 62 -10.45 12.46 -16.77
N PHE A 63 -11.00 11.40 -16.18
CA PHE A 63 -12.03 10.59 -16.82
C PHE A 63 -12.79 9.85 -15.73
N LYS A 64 -13.91 9.24 -16.11
CA LYS A 64 -14.71 8.48 -15.16
C LYS A 64 -14.96 7.07 -15.65
N GLU A 65 -15.48 6.22 -14.76
CA GLU A 65 -15.63 4.80 -15.07
C GLU A 65 -16.56 4.49 -16.24
N THR A 66 -17.50 5.38 -16.52
CA THR A 66 -18.46 5.19 -17.61
C THR A 66 -17.90 5.59 -18.99
N ASP A 67 -16.79 6.33 -19.00
CA ASP A 67 -16.22 6.79 -20.28
C ASP A 67 -15.77 5.61 -21.15
N LEU A 68 -16.05 5.71 -22.45
CA LEU A 68 -15.62 4.68 -23.40
C LEU A 68 -14.22 4.93 -23.96
N VAL A 69 -13.41 3.88 -23.94
CA VAL A 69 -12.07 3.86 -24.52
C VAL A 69 -12.12 3.10 -25.82
N THR A 70 -11.68 3.74 -26.91
CA THR A 70 -11.64 3.07 -28.19
C THR A 70 -10.30 2.38 -28.34
N ILE A 71 -10.33 1.05 -28.51
CA ILE A 71 -9.12 0.25 -28.53
C ILE A 71 -8.33 0.43 -29.81
N GLY A 72 -7.01 0.68 -29.67
CA GLY A 72 -6.10 0.79 -30.80
C GLY A 72 -5.26 -0.46 -31.03
N ASN A 73 -4.46 -0.40 -32.09
CA ASN A 73 -3.66 -1.56 -32.50
C ASN A 73 -2.73 -2.12 -31.41
N ASP A 74 -2.15 -1.24 -30.61
CA ASP A 74 -1.18 -1.65 -29.59
C ASP A 74 -1.79 -2.47 -28.44
N ALA A 75 -3.11 -2.35 -28.27
CA ALA A 75 -3.84 -3.09 -27.23
C ALA A 75 -4.57 -4.31 -27.81
N TRP A 76 -4.33 -4.59 -29.09
CA TRP A 76 -4.93 -5.75 -29.76
C TRP A 76 -4.22 -7.03 -29.30
N ALA A 77 -4.92 -7.84 -28.53
CA ALA A 77 -4.31 -9.01 -27.88
C ALA A 77 -3.62 -9.94 -28.88
N THR A 78 -4.34 -10.33 -29.92
CA THR A 78 -3.80 -11.29 -30.88
C THR A 78 -3.07 -10.61 -32.04
N GLY A 79 -2.78 -9.33 -31.87
CA GLY A 79 -2.05 -8.56 -32.87
C GLY A 79 -0.64 -8.21 -32.47
N ASN A 80 -0.23 -8.66 -31.29
CA ASN A 80 1.08 -8.29 -30.74
C ASN A 80 1.69 -9.50 -30.00
N PRO A 81 2.55 -10.29 -30.67
CA PRO A 81 3.16 -11.49 -30.06
C PRO A 81 3.88 -11.29 -28.71
N VAL A 82 4.16 -10.04 -28.34
CA VAL A 82 4.71 -9.76 -26.99
C VAL A 82 3.75 -10.31 -25.91
N PHE A 83 2.46 -10.36 -26.24
CA PHE A 83 1.43 -10.85 -25.33
C PHE A 83 1.34 -12.38 -25.22
N LYS A 84 2.12 -13.10 -26.02
CA LYS A 84 1.99 -14.57 -26.09
C LYS A 84 2.13 -15.24 -24.73
N GLY A 85 1.10 -16.01 -24.36
CA GLY A 85 1.08 -16.80 -23.13
C GLY A 85 0.79 -16.00 -21.86
N SER A 86 0.42 -14.74 -22.04
CA SER A 86 0.22 -13.85 -20.91
C SER A 86 -1.26 -13.67 -20.60
N SER A 87 -1.56 -13.01 -19.49
CA SER A 87 -2.94 -12.76 -19.13
C SER A 87 -3.52 -11.64 -19.99
N LEU A 88 -4.69 -11.89 -20.56
CA LEU A 88 -5.28 -10.97 -21.54
C LEU A 88 -6.78 -10.82 -21.36
N MET A 89 -7.27 -9.65 -21.72
CA MET A 89 -8.70 -9.38 -21.72
C MET A 89 -9.29 -9.75 -23.09
N PHE A 90 -8.41 -9.86 -24.10
CA PHE A 90 -8.73 -10.14 -25.51
C PHE A 90 -9.45 -8.99 -26.23
N LEU A 91 -8.80 -7.83 -26.16
CA LEU A 91 -9.29 -6.64 -26.83
C LEU A 91 -8.93 -6.66 -28.31
N LYS A 92 -9.79 -6.07 -29.12
CA LYS A 92 -9.51 -5.92 -30.55
C LYS A 92 -9.71 -4.47 -30.93
N PRO A 93 -8.99 -3.99 -31.97
CA PRO A 93 -9.13 -2.57 -32.35
C PRO A 93 -10.56 -2.24 -32.73
N GLY A 94 -10.99 -1.03 -32.40
CA GLY A 94 -12.35 -0.62 -32.72
C GLY A 94 -13.37 -0.91 -31.63
N MET A 95 -13.04 -1.82 -30.71
CA MET A 95 -13.91 -2.01 -29.56
C MET A 95 -14.00 -0.70 -28.80
N GLN A 96 -15.17 -0.45 -28.23
CA GLN A 96 -15.36 0.70 -27.34
C GLN A 96 -15.74 0.16 -25.97
N VAL A 97 -14.80 0.25 -25.04
CA VAL A 97 -14.90 -0.44 -23.76
C VAL A 97 -14.94 0.58 -22.64
N PRO A 98 -15.92 0.50 -21.72
CA PRO A 98 -15.92 1.42 -20.58
C PRO A 98 -14.66 1.28 -19.72
N VAL A 99 -14.20 2.41 -19.20
CA VAL A 99 -13.07 2.42 -18.26
C VAL A 99 -13.29 1.39 -17.14
N SER A 100 -14.52 1.31 -16.64
CA SER A 100 -14.86 0.37 -15.55
C SER A 100 -14.47 -1.07 -15.88
N GLN A 101 -14.66 -1.44 -17.13
CA GLN A 101 -14.37 -2.79 -17.58
C GLN A 101 -12.87 -2.98 -17.78
N LEU A 102 -12.20 -1.98 -18.35
CA LEU A 102 -10.76 -2.11 -18.53
C LEU A 102 -10.01 -2.21 -17.20
N ILE A 103 -10.41 -1.40 -16.22
CA ILE A 103 -9.73 -1.41 -14.93
C ILE A 103 -9.96 -2.72 -14.16
N ARG A 104 -11.12 -3.33 -14.35
CA ARG A 104 -11.35 -4.68 -13.81
C ARG A 104 -10.54 -5.73 -14.58
N GLY A 105 -10.40 -5.55 -15.90
CA GLY A 105 -9.46 -6.38 -16.65
C GLY A 105 -8.05 -6.31 -16.09
N ILE A 106 -7.61 -5.10 -15.72
CA ILE A 106 -6.30 -4.91 -15.11
C ILE A 106 -6.25 -5.52 -13.71
N ASN A 107 -7.20 -5.14 -12.85
CA ASN A 107 -7.12 -5.46 -11.42
C ASN A 107 -7.45 -6.90 -11.06
N LEU A 108 -8.44 -7.48 -11.76
CA LEU A 108 -8.90 -8.83 -11.46
C LEU A 108 -8.14 -9.86 -12.29
N GLN A 109 -8.03 -9.56 -13.59
CA GLN A 109 -7.54 -10.51 -14.59
C GLN A 109 -6.06 -10.29 -14.93
N SER A 110 -5.48 -9.15 -14.52
CA SER A 110 -4.10 -8.83 -14.88
C SER A 110 -3.91 -8.75 -16.40
N GLY A 111 -4.92 -8.20 -17.09
CA GLY A 111 -4.91 -8.10 -18.55
C GLY A 111 -3.86 -7.15 -19.07
N ASN A 112 -2.87 -7.68 -19.79
CA ASN A 112 -1.78 -6.88 -20.30
C ASN A 112 -2.22 -5.92 -21.41
N ASP A 113 -3.20 -6.37 -22.19
CA ASP A 113 -3.77 -5.56 -23.27
C ASP A 113 -4.55 -4.39 -22.68
N ALA A 114 -5.34 -4.66 -21.64
CA ALA A 114 -6.07 -3.60 -20.93
C ALA A 114 -5.15 -2.50 -20.36
N CYS A 115 -3.96 -2.88 -19.89
CA CYS A 115 -2.97 -1.92 -19.43
C CYS A 115 -2.57 -0.98 -20.56
N VAL A 116 -2.32 -1.53 -21.75
CA VAL A 116 -1.92 -0.68 -22.88
C VAL A 116 -3.06 0.26 -23.24
N ALA A 117 -4.29 -0.26 -23.29
CA ALA A 117 -5.44 0.56 -23.67
C ALA A 117 -5.60 1.72 -22.69
N MET A 118 -5.50 1.45 -21.40
CA MET A 118 -5.64 2.51 -20.39
C MET A 118 -4.46 3.48 -20.39
N ALA A 119 -3.27 2.98 -20.70
CA ALA A 119 -2.08 3.83 -20.68
C ALA A 119 -2.19 4.88 -21.78
N ASP A 120 -2.58 4.45 -22.97
CA ASP A 120 -2.79 5.40 -24.05
C ASP A 120 -3.94 6.36 -23.78
N PHE A 121 -5.02 5.85 -23.21
CA PHE A 121 -6.18 6.69 -22.91
C PHE A 121 -5.85 7.77 -21.87
N ALA A 122 -5.12 7.37 -20.84
CA ALA A 122 -4.80 8.27 -19.73
C ALA A 122 -3.63 9.22 -19.96
N ALA A 123 -2.65 8.77 -20.75
CA ALA A 123 -1.39 9.50 -20.88
C ALA A 123 -0.89 9.70 -22.31
N GLY A 124 -1.62 9.18 -23.30
CA GLY A 124 -1.28 9.40 -24.71
C GLY A 124 -0.35 8.36 -25.32
N SER A 125 0.61 7.87 -24.53
CA SER A 125 1.51 6.82 -25.00
C SER A 125 1.94 5.97 -23.82
N GLN A 126 2.39 4.75 -24.11
CA GLN A 126 2.91 3.89 -23.06
C GLN A 126 4.13 4.54 -22.38
N ASP A 127 5.02 5.14 -23.17
CA ASP A 127 6.22 5.75 -22.61
C ASP A 127 5.86 6.90 -21.66
N ALA A 128 4.85 7.71 -22.01
CA ALA A 128 4.44 8.81 -21.12
C ALA A 128 3.80 8.26 -19.84
N PHE A 129 3.02 7.20 -19.98
CA PHE A 129 2.43 6.54 -18.81
C PHE A 129 3.50 5.97 -17.89
N VAL A 130 4.51 5.31 -18.45
CA VAL A 130 5.61 4.78 -17.65
C VAL A 130 6.34 5.93 -16.93
N GLY A 131 6.44 7.08 -17.60
CA GLY A 131 7.00 8.26 -16.97
C GLY A 131 6.23 8.62 -15.72
N LEU A 132 4.90 8.56 -15.80
CA LEU A 132 4.06 8.81 -14.61
C LEU A 132 4.32 7.79 -13.52
N MET A 133 4.36 6.51 -13.90
CA MET A 133 4.64 5.45 -12.93
C MET A 133 5.93 5.74 -12.14
N ASN A 134 7.00 6.10 -12.86
CA ASN A 134 8.28 6.39 -12.24
C ASN A 134 8.29 7.70 -11.45
N SER A 135 7.47 8.66 -11.87
CA SER A 135 7.29 9.89 -11.09
C SER A 135 6.70 9.58 -9.71
N TYR A 136 5.71 8.68 -9.68
CA TYR A 136 5.13 8.24 -8.42
C TYR A 136 6.10 7.36 -7.59
N VAL A 137 6.93 6.57 -8.26
CA VAL A 137 8.03 5.89 -7.54
C VAL A 137 8.82 6.91 -6.73
N ASN A 138 9.20 8.02 -7.36
CA ASN A 138 9.93 9.11 -6.70
C ASN A 138 9.13 9.77 -5.58
N ALA A 139 7.87 10.09 -5.85
CA ALA A 139 7.01 10.76 -4.87
C ALA A 139 6.81 9.91 -3.61
N LEU A 140 6.71 8.60 -3.80
CA LEU A 140 6.52 7.66 -2.68
C LEU A 140 7.83 7.32 -1.96
N GLY A 141 8.95 7.85 -2.44
CA GLY A 141 10.25 7.61 -1.83
C GLY A 141 10.78 6.19 -1.94
N LEU A 142 10.36 5.46 -2.98
CA LEU A 142 10.75 4.06 -3.14
C LEU A 142 12.18 4.03 -3.62
N LYS A 143 13.01 3.26 -2.94
CA LYS A 143 14.44 3.22 -3.19
C LYS A 143 14.92 2.11 -4.14
N ASN A 144 14.07 1.13 -4.40
CA ASN A 144 14.50 -0.04 -5.15
C ASN A 144 13.47 -0.47 -6.20
N THR A 145 12.89 0.53 -6.89
CA THR A 145 11.87 0.28 -7.90
C THR A 145 12.09 1.13 -9.14
N HIS A 146 11.92 0.49 -10.30
CA HIS A 146 11.96 1.21 -11.57
C HIS A 146 11.13 0.44 -12.57
N PHE A 147 10.26 1.14 -13.28
CA PHE A 147 9.40 0.52 -14.30
C PHE A 147 9.83 0.89 -15.71
N GLN A 148 9.63 -0.05 -16.64
CA GLN A 148 9.88 0.22 -18.05
C GLN A 148 8.63 0.03 -18.92
N THR A 149 7.68 -0.74 -18.39
N THR A 149 7.69 -0.80 -18.50
CA THR A 149 6.45 -1.21 -19.06
CA THR A 149 6.45 -0.98 -19.27
C THR A 149 5.19 -0.82 -18.28
C THR A 149 5.21 -0.95 -18.36
N VAL A 150 4.05 -0.79 -18.98
CA VAL A 150 2.78 -0.55 -18.27
C VAL A 150 2.14 -1.79 -17.66
N HIS A 151 2.69 -2.98 -17.98
CA HIS A 151 2.09 -4.25 -17.58
C HIS A 151 3.03 -5.22 -16.88
N GLY A 152 4.34 -5.01 -17.05
CA GLY A 152 5.36 -5.95 -16.59
C GLY A 152 6.12 -6.69 -17.70
N LEU A 153 5.54 -6.77 -18.90
CA LEU A 153 6.19 -7.53 -20.00
C LEU A 153 7.29 -6.73 -20.70
N ASP A 154 8.27 -7.45 -21.27
CA ASP A 154 9.28 -6.86 -22.14
C ASP A 154 10.04 -5.69 -21.48
N ALA A 155 10.55 -5.96 -20.28
CA ALA A 155 11.22 -4.95 -19.44
C ALA A 155 12.48 -5.48 -18.72
N ASP A 156 13.59 -5.59 -19.46
CA ASP A 156 14.85 -6.08 -18.89
C ASP A 156 15.42 -5.28 -17.73
N GLY A 157 15.13 -3.99 -17.67
CA GLY A 157 15.67 -3.11 -16.62
C GLY A 157 14.66 -2.66 -15.58
N GLN A 158 13.57 -3.41 -15.50
CA GLN A 158 12.51 -3.16 -14.52
C GLN A 158 12.80 -3.95 -13.27
N TYR A 159 12.52 -3.37 -12.10
CA TYR A 159 12.70 -4.10 -10.85
C TYR A 159 11.86 -3.47 -9.74
N SER A 160 11.62 -4.24 -8.69
CA SER A 160 11.09 -3.70 -7.45
C SER A 160 11.57 -4.60 -6.33
N SER A 161 10.96 -4.44 -5.16
CA SER A 161 11.36 -5.19 -3.97
C SER A 161 10.14 -5.48 -3.12
N ALA A 162 10.30 -6.36 -2.14
CA ALA A 162 9.15 -6.68 -1.29
C ALA A 162 8.68 -5.43 -0.53
N ARG A 163 9.62 -4.70 0.04
CA ARG A 163 9.27 -3.47 0.75
C ARG A 163 8.54 -2.51 -0.19
N ASP A 164 9.10 -2.26 -1.36
CA ASP A 164 8.54 -1.25 -2.25
C ASP A 164 7.16 -1.65 -2.71
N MET A 165 6.95 -2.95 -2.96
CA MET A 165 5.63 -3.41 -3.37
C MET A 165 4.59 -3.31 -2.26
N ALA A 166 5.01 -3.59 -1.02
CA ALA A 166 4.12 -3.34 0.12
C ALA A 166 3.77 -1.85 0.25
N LEU A 167 4.75 -0.98 -0.02
CA LEU A 167 4.53 0.46 0.06
C LEU A 167 3.60 0.96 -1.04
N ILE A 168 3.69 0.38 -2.24
CA ILE A 168 2.74 0.72 -3.31
C ILE A 168 1.34 0.24 -2.92
N GLY A 169 1.25 -0.95 -2.30
CA GLY A 169 -0.04 -1.43 -1.79
C GLY A 169 -0.60 -0.44 -0.77
N GLN A 170 0.23 -0.01 0.15
CA GLN A 170 -0.19 0.99 1.13
C GLN A 170 -0.69 2.27 0.47
N ALA A 171 0.00 2.72 -0.58
CA ALA A 171 -0.37 3.96 -1.27
C ALA A 171 -1.70 3.80 -2.00
N LEU A 172 -1.95 2.62 -2.59
CA LEU A 172 -3.24 2.36 -3.24
C LEU A 172 -4.40 2.52 -2.27
N ILE A 173 -4.26 1.90 -1.10
CA ILE A 173 -5.33 1.91 -0.11
C ILE A 173 -5.53 3.32 0.44
N ARG A 174 -4.42 4.01 0.66
CA ARG A 174 -4.43 5.32 1.30
C ARG A 174 -4.89 6.44 0.35
N ASP A 175 -4.29 6.49 -0.84
CA ASP A 175 -4.45 7.63 -1.76
C ASP A 175 -5.56 7.50 -2.76
N VAL A 176 -5.84 6.28 -3.21
CA VAL A 176 -6.87 6.05 -4.23
C VAL A 176 -7.87 4.97 -3.79
N PRO A 177 -8.59 5.23 -2.68
CA PRO A 177 -9.47 4.22 -2.11
C PRO A 177 -10.57 3.71 -3.06
N ASN A 178 -11.04 4.55 -3.99
CA ASN A 178 -12.04 4.10 -4.96
C ASN A 178 -11.48 3.07 -5.93
N GLU A 179 -10.19 3.20 -6.24
CA GLU A 179 -9.51 2.22 -7.07
C GLU A 179 -9.27 0.94 -6.26
N TYR A 180 -8.82 1.11 -5.03
CA TYR A 180 -8.54 -0.05 -4.18
C TYR A 180 -9.77 -0.93 -3.95
N SER A 181 -10.93 -0.31 -3.84
CA SER A 181 -12.17 -1.07 -3.57
C SER A 181 -12.51 -2.13 -4.64
N ILE A 182 -11.95 -1.98 -5.84
CA ILE A 182 -12.18 -2.94 -6.93
C ILE A 182 -11.50 -4.29 -6.70
N TYR A 183 -10.40 -4.28 -5.94
CA TYR A 183 -9.58 -5.48 -5.80
C TYR A 183 -10.26 -6.66 -5.10
N LYS A 184 -11.28 -6.37 -4.28
CA LYS A 184 -12.00 -7.44 -3.56
C LYS A 184 -13.05 -8.12 -4.43
N GLU A 185 -13.32 -7.55 -5.61
CA GLU A 185 -14.36 -8.11 -6.47
C GLU A 185 -13.94 -9.47 -7.01
N LYS A 186 -14.79 -10.47 -6.80
CA LYS A 186 -14.41 -11.84 -7.12
C LYS A 186 -14.51 -12.18 -8.60
N GLU A 187 -15.34 -11.44 -9.33
CA GLU A 187 -15.50 -11.70 -10.75
C GLU A 187 -16.04 -10.48 -11.47
N PHE A 188 -15.85 -10.45 -12.80
CA PHE A 188 -16.53 -9.50 -13.65
C PHE A 188 -16.80 -10.20 -14.99
N THR A 189 -17.65 -9.62 -15.82
CA THR A 189 -17.96 -10.24 -17.11
C THR A 189 -17.60 -9.28 -18.23
N PHE A 190 -16.84 -9.79 -19.21
CA PHE A 190 -16.51 -9.02 -20.41
C PHE A 190 -16.76 -9.84 -21.65
N ASN A 191 -17.46 -9.23 -22.62
CA ASN A 191 -17.71 -9.86 -23.92
C ASN A 191 -18.37 -11.24 -23.75
N GLY A 192 -19.32 -11.31 -22.82
CA GLY A 192 -20.07 -12.54 -22.56
C GLY A 192 -19.35 -13.63 -21.79
N ILE A 193 -18.13 -13.34 -21.33
CA ILE A 193 -17.37 -14.33 -20.57
C ILE A 193 -17.08 -13.83 -19.14
N ARG A 194 -17.45 -14.63 -18.15
CA ARG A 194 -17.11 -14.36 -16.76
C ARG A 194 -15.62 -14.58 -16.52
N GLN A 195 -15.00 -13.63 -15.81
CA GLN A 195 -13.58 -13.72 -15.46
C GLN A 195 -13.40 -13.57 -13.96
N LEU A 196 -12.70 -14.52 -13.37
CA LEU A 196 -12.50 -14.57 -11.93
C LEU A 196 -11.27 -13.80 -11.52
N ASN A 197 -11.34 -13.16 -10.35
CA ASN A 197 -10.17 -12.56 -9.73
C ASN A 197 -9.09 -13.62 -9.48
N ARG A 198 -7.86 -13.33 -9.88
CA ARG A 198 -6.73 -14.27 -9.70
C ARG A 198 -6.26 -14.42 -8.24
N ASN A 199 -6.69 -13.52 -7.36
CA ASN A 199 -6.30 -13.57 -5.95
C ASN A 199 -7.16 -14.57 -5.17
N GLY A 200 -6.71 -15.82 -5.13
CA GLY A 200 -7.43 -16.90 -4.43
C GLY A 200 -7.72 -16.65 -2.96
N LEU A 201 -6.91 -15.82 -2.30
CA LEU A 201 -7.15 -15.54 -0.88
C LEU A 201 -8.47 -14.83 -0.58
N LEU A 202 -9.07 -14.20 -1.61
CA LEU A 202 -10.36 -13.54 -1.44
C LEU A 202 -11.42 -14.52 -0.93
N TRP A 203 -11.23 -15.79 -1.26
CA TRP A 203 -12.19 -16.85 -0.92
C TRP A 203 -11.83 -17.61 0.36
N ASP A 204 -10.74 -17.22 1.01
CA ASP A 204 -10.38 -17.84 2.29
C ASP A 204 -11.19 -17.21 3.43
N ASN A 205 -12.18 -17.98 3.92
CA ASN A 205 -13.06 -17.66 5.08
C ASN A 205 -12.38 -17.31 6.40
N SER A 206 -11.15 -17.78 6.60
CA SER A 206 -10.46 -17.57 7.88
C SER A 206 -9.86 -16.17 8.02
N LEU A 207 -9.78 -15.46 6.90
CA LEU A 207 -9.22 -14.11 6.86
C LEU A 207 -10.21 -13.17 6.18
N ASN A 208 -10.04 -11.87 6.40
CA ASN A 208 -10.71 -10.89 5.56
C ASN A 208 -9.69 -10.24 4.63
N VAL A 209 -9.34 -10.98 3.58
CA VAL A 209 -8.42 -10.46 2.55
C VAL A 209 -9.24 -9.69 1.51
N ASP A 210 -8.83 -8.45 1.21
CA ASP A 210 -9.54 -7.66 0.18
C ASP A 210 -8.65 -7.11 -0.93
N GLY A 211 -7.42 -7.62 -1.01
CA GLY A 211 -6.46 -7.25 -2.05
C GLY A 211 -5.19 -8.10 -1.92
N ILE A 212 -4.20 -7.88 -2.78
CA ILE A 212 -4.22 -6.84 -3.81
C ILE A 212 -3.95 -7.46 -5.18
N LYS A 213 -2.77 -8.03 -5.38
CA LYS A 213 -2.32 -8.43 -6.71
C LYS A 213 -1.41 -9.64 -6.66
N THR A 214 -1.62 -10.53 -7.62
CA THR A 214 -0.76 -11.69 -7.83
C THR A 214 0.11 -11.48 -9.06
N GLY A 215 1.18 -12.24 -9.16
CA GLY A 215 2.00 -12.23 -10.36
C GLY A 215 2.81 -13.49 -10.48
N HIS A 216 2.81 -14.10 -11.67
CA HIS A 216 3.74 -15.18 -11.94
C HIS A 216 4.30 -15.09 -13.34
N THR A 217 5.62 -15.15 -13.39
CA THR A 217 6.35 -15.49 -14.61
C THR A 217 7.37 -16.53 -14.18
N ASP A 218 7.83 -17.35 -15.12
CA ASP A 218 8.86 -18.35 -14.82
C ASP A 218 10.12 -17.68 -14.28
N LYS A 219 10.35 -16.44 -14.72
CA LYS A 219 11.49 -15.64 -14.26
C LYS A 219 11.33 -15.07 -12.83
N ALA A 220 10.13 -14.57 -12.50
CA ALA A 220 9.89 -13.92 -11.20
C ALA A 220 9.44 -14.88 -10.09
N GLY A 221 9.08 -16.10 -10.46
CA GLY A 221 8.46 -17.02 -9.50
C GLY A 221 7.05 -16.55 -9.18
N TYR A 222 6.55 -16.95 -8.01
CA TYR A 222 5.20 -16.60 -7.60
C TYR A 222 5.23 -15.40 -6.65
N ASN A 223 4.47 -14.38 -7.01
CA ASN A 223 4.48 -13.11 -6.29
C ASN A 223 3.08 -12.78 -5.83
N LEU A 224 2.98 -12.20 -4.65
CA LEU A 224 1.67 -11.80 -4.13
C LEU A 224 1.81 -10.63 -3.17
N VAL A 225 1.01 -9.60 -3.38
CA VAL A 225 0.81 -8.55 -2.38
C VAL A 225 -0.61 -8.69 -1.88
N ALA A 226 -0.74 -8.96 -0.59
CA ALA A 226 -2.03 -9.21 0.04
C ALA A 226 -2.30 -8.15 1.08
N SER A 227 -3.57 -7.85 1.30
CA SER A 227 -3.93 -7.04 2.46
C SER A 227 -5.19 -7.59 3.10
N ALA A 228 -5.20 -7.55 4.43
CA ALA A 228 -6.29 -8.17 5.18
C ALA A 228 -6.57 -7.32 6.40
N THR A 229 -7.79 -7.42 6.92
CA THR A 229 -8.15 -6.67 8.12
C THR A 229 -8.68 -7.58 9.23
N GLU A 230 -8.51 -7.11 10.46
CA GLU A 230 -9.18 -7.73 11.60
C GLU A 230 -9.39 -6.60 12.62
N GLY A 231 -10.66 -6.28 12.90
CA GLY A 231 -10.98 -5.15 13.76
C GLY A 231 -10.43 -3.83 13.22
N GLN A 232 -9.69 -3.11 14.07
CA GLN A 232 -9.08 -1.82 13.71
C GLN A 232 -7.91 -1.99 12.75
N MET A 233 -7.45 -3.23 12.63
CA MET A 233 -6.12 -3.49 12.11
C MET A 233 -6.08 -3.96 10.66
N ARG A 234 -5.20 -3.34 9.88
CA ARG A 234 -4.97 -3.76 8.50
C ARG A 234 -3.50 -4.04 8.29
N LEU A 235 -3.23 -5.25 7.77
CA LEU A 235 -1.87 -5.65 7.42
C LEU A 235 -1.71 -5.74 5.91
N ILE A 236 -0.48 -5.51 5.46
CA ILE A 236 -0.10 -5.74 4.06
C ILE A 236 1.12 -6.66 4.07
N SER A 237 1.04 -7.74 3.29
CA SER A 237 2.20 -8.62 3.06
C SER A 237 2.62 -8.55 1.61
N ALA A 238 3.92 -8.65 1.37
CA ALA A 238 4.41 -8.84 0.01
C ALA A 238 5.35 -10.03 0.07
N VAL A 239 5.12 -11.00 -0.81
CA VAL A 239 5.94 -12.19 -0.87
C VAL A 239 6.39 -12.30 -2.32
N MET A 240 7.70 -12.31 -2.53
CA MET A 240 8.25 -12.34 -3.88
C MET A 240 9.12 -13.55 -4.10
N GLY A 241 9.01 -14.12 -5.30
CA GLY A 241 9.76 -15.33 -5.62
C GLY A 241 9.34 -16.52 -4.77
N GLY A 242 8.03 -16.65 -4.54
N GLY A 242 8.02 -16.68 -4.60
CA GLY A 242 7.47 -17.84 -3.94
CA GLY A 242 7.45 -17.90 -4.03
C GLY A 242 7.92 -19.01 -4.78
C GLY A 242 7.53 -19.05 -5.03
N ARG A 243 8.37 -20.08 -4.12
N ARG A 243 7.09 -20.24 -4.62
CA ARG A 243 9.07 -21.17 -4.79
CA ARG A 243 7.36 -21.46 -5.39
C ARG A 243 8.17 -22.31 -5.29
C ARG A 243 6.18 -22.14 -6.09
N THR A 244 6.98 -22.46 -4.72
N THR A 244 4.95 -21.90 -5.64
CA THR A 244 6.08 -23.54 -5.13
CA THR A 244 3.76 -22.42 -6.32
C THR A 244 4.65 -23.08 -5.40
C THR A 244 2.55 -21.47 -6.28
N PHE A 245 3.98 -23.80 -6.29
N PHE A 245 1.52 -21.79 -7.06
CA PHE A 245 2.58 -23.55 -6.59
CA PHE A 245 0.30 -21.00 -7.04
C PHE A 245 1.73 -23.67 -5.34
C PHE A 245 -0.33 -21.03 -5.65
N LYS A 246 2.02 -24.69 -4.53
N LYS A 246 -0.65 -22.24 -5.19
CA LYS A 246 1.24 -24.98 -3.34
CA LYS A 246 -1.19 -22.43 -3.85
C LYS A 246 1.37 -23.90 -2.25
C LYS A 246 -0.17 -22.02 -2.82
N GLY A 247 2.42 -23.09 -2.34
N GLY A 247 1.09 -21.98 -3.25
CA GLY A 247 2.64 -22.04 -1.34
CA GLY A 247 2.20 -21.59 -2.39
C GLY A 247 2.26 -20.64 -1.81
C GLY A 247 2.21 -20.10 -2.07
N ARG A 248 1.69 -20.54 -3.01
N ARG A 248 2.17 -19.27 -3.10
CA ARG A 248 1.44 -19.24 -3.63
CA ARG A 248 2.16 -17.82 -2.85
C ARG A 248 0.48 -18.36 -2.83
C ARG A 248 1.04 -17.47 -1.89
N GLU A 249 -0.39 -18.98 -2.05
N GLU A 249 -0.07 -18.20 -2.00
CA GLU A 249 -1.27 -18.19 -1.18
CA GLU A 249 -1.22 -18.04 -1.11
C GLU A 249 -1.01 -18.55 0.27
C GLU A 249 -0.88 -18.48 0.31
N ALA A 250 -0.53 -19.76 0.48
CA ALA A 250 -0.26 -20.31 1.81
C ALA A 250 0.82 -19.55 2.59
N GLU A 251 1.89 -19.14 1.90
CA GLU A 251 2.98 -18.43 2.57
C GLU A 251 2.53 -17.06 3.05
N SER A 252 1.74 -16.37 2.23
CA SER A 252 1.20 -15.06 2.61
C SER A 252 0.21 -15.19 3.78
N LYS A 253 -0.65 -16.22 3.70
CA LYS A 253 -1.58 -16.51 4.78
C LYS A 253 -0.82 -16.72 6.10
N LYS A 254 0.30 -17.43 6.05
CA LYS A 254 1.14 -17.65 7.25
C LYS A 254 1.56 -16.32 7.89
N LEU A 255 2.00 -15.38 7.06
CA LEU A 255 2.45 -14.09 7.56
C LEU A 255 1.32 -13.27 8.12
N LEU A 256 0.20 -13.21 7.39
CA LEU A 256 -0.91 -12.41 7.86
C LEU A 256 -1.49 -12.94 9.17
N THR A 257 -1.69 -14.26 9.25
N THR A 257 -1.67 -14.26 9.22
CA THR A 257 -2.26 -14.83 10.47
CA THR A 257 -2.22 -14.91 10.41
C THR A 257 -1.32 -14.63 11.67
C THR A 257 -1.33 -14.65 11.63
N TRP A 258 -0.02 -14.77 11.42
CA TRP A 258 0.98 -14.53 12.46
C TRP A 258 0.93 -13.08 12.94
N GLY A 259 0.82 -12.14 12.01
CA GLY A 259 0.77 -10.74 12.39
C GLY A 259 -0.42 -10.40 13.27
N PHE A 260 -1.60 -10.92 12.92
CA PHE A 260 -2.81 -10.60 13.68
C PHE A 260 -2.75 -11.25 15.06
N ARG A 261 -2.10 -12.40 15.15
CA ARG A 261 -2.05 -13.10 16.43
C ARG A 261 -1.13 -12.38 17.42
N PHE A 262 -0.02 -11.83 16.94
CA PHE A 262 0.98 -11.30 17.86
C PHE A 262 1.04 -9.79 17.99
N PHE A 263 0.40 -9.08 17.07
CA PHE A 263 0.45 -7.64 17.10
C PHE A 263 -0.94 -7.00 17.07
N GLU A 264 -1.00 -5.77 17.59
CA GLU A 264 -2.23 -4.97 17.58
C GLU A 264 -1.87 -3.54 17.21
N THR A 265 -2.80 -2.83 16.57
CA THR A 265 -2.60 -1.43 16.23
C THR A 265 -3.50 -0.56 17.08
N VAL A 266 -2.90 0.46 17.67
CA VAL A 266 -3.63 1.39 18.52
C VAL A 266 -3.55 2.80 17.95
N ASN A 267 -4.57 3.60 18.27
CA ASN A 267 -4.71 4.96 17.76
C ASN A 267 -4.88 5.90 18.95
N PRO A 268 -3.78 6.22 19.65
CA PRO A 268 -3.87 6.95 20.91
C PRO A 268 -4.20 8.44 20.78
N LEU A 269 -4.05 9.01 19.59
CA LEU A 269 -4.24 10.46 19.43
C LEU A 269 -4.63 10.81 18.00
N LYS A 270 -5.66 11.65 17.87
CA LYS A 270 -6.07 12.15 16.56
C LYS A 270 -5.69 13.61 16.38
N VAL A 271 -5.50 14.02 15.12
CA VAL A 271 -5.22 15.41 14.76
C VAL A 271 -6.24 16.34 15.41
N GLY A 272 -5.74 17.43 15.98
CA GLY A 272 -6.58 18.50 16.48
C GLY A 272 -7.05 18.35 17.92
N LYS A 273 -6.79 17.20 18.52
CA LYS A 273 -7.16 16.93 19.92
C LYS A 273 -6.00 17.23 20.86
N GLU A 274 -6.27 17.92 21.97
CA GLU A 274 -5.21 18.32 22.88
C GLU A 274 -4.57 17.14 23.62
N PHE A 275 -3.25 17.04 23.50
CA PHE A 275 -2.46 16.06 24.25
C PHE A 275 -1.82 16.70 25.48
N ALA A 276 -1.48 17.98 25.34
CA ALA A 276 -0.75 18.71 26.37
C ALA A 276 -1.04 20.18 26.26
N SER A 277 -0.80 20.92 27.34
CA SER A 277 -0.93 22.36 27.32
C SER A 277 0.30 22.96 27.98
N GLU A 278 0.74 24.11 27.48
CA GLU A 278 1.90 24.79 28.05
C GLU A 278 1.65 26.29 28.11
N PRO A 279 2.22 26.97 29.12
CA PRO A 279 2.08 28.42 29.12
C PRO A 279 2.74 29.05 27.90
N VAL A 280 2.21 30.19 27.46
CA VAL A 280 2.81 30.90 26.34
C VAL A 280 2.99 32.37 26.72
N TRP A 281 4.09 32.96 26.26
CA TRP A 281 4.41 34.37 26.53
C TRP A 281 4.10 35.22 25.31
N PHE A 282 3.66 36.46 25.56
CA PHE A 282 3.45 37.47 24.51
C PHE A 282 2.23 37.21 23.61
N GLY A 283 1.37 36.27 23.99
CA GLY A 283 0.27 35.86 23.10
C GLY A 283 -1.11 36.44 23.41
N ASP A 284 -2.07 36.18 22.52
CA ASP A 284 -3.47 36.54 22.76
C ASP A 284 -4.20 35.53 23.65
N SER A 285 -3.48 34.48 24.05
CA SER A 285 -3.97 33.46 24.96
C SER A 285 -2.84 33.19 25.96
N ASP A 286 -3.20 32.68 27.14
CA ASP A 286 -2.23 32.37 28.20
C ASP A 286 -1.55 31.01 27.97
N ARG A 287 -2.18 30.17 27.16
CA ARG A 287 -1.73 28.78 27.04
C ARG A 287 -1.83 28.27 25.60
N ALA A 288 -0.90 27.39 25.25
CA ALA A 288 -0.89 26.77 23.93
C ALA A 288 -1.46 25.36 24.06
N SER A 289 -2.35 25.02 23.15
CA SER A 289 -2.90 23.66 23.08
C SER A 289 -2.05 22.84 22.11
N LEU A 290 -1.53 21.73 22.59
CA LEU A 290 -0.53 20.96 21.84
C LEU A 290 -0.98 19.54 21.54
N GLY A 291 -0.62 19.08 20.35
CA GLY A 291 -0.99 17.73 19.90
C GLY A 291 -0.24 17.33 18.66
N VAL A 292 -0.93 16.72 17.70
CA VAL A 292 -0.27 16.26 16.48
C VAL A 292 -0.95 16.81 15.22
N ASP A 293 -0.24 16.81 14.09
CA ASP A 293 -0.85 17.21 12.81
C ASP A 293 -1.14 16.03 11.89
N LYS A 294 -1.00 14.82 12.42
CA LYS A 294 -1.29 13.60 11.69
C LYS A 294 -1.66 12.54 12.72
N ASP A 295 -2.74 11.81 12.47
CA ASP A 295 -3.21 10.78 13.40
C ASP A 295 -2.10 9.82 13.78
N VAL A 296 -2.03 9.50 15.06
CA VAL A 296 -1.00 8.57 15.56
C VAL A 296 -1.52 7.15 15.54
N TYR A 297 -0.83 6.27 14.81
CA TYR A 297 -1.05 4.83 14.89
C TYR A 297 0.25 4.17 15.28
N LEU A 298 0.14 3.23 16.23
CA LEU A 298 1.29 2.48 16.75
C LEU A 298 0.96 1.01 16.64
N THR A 299 1.95 0.21 16.24
CA THR A 299 1.81 -1.24 16.29
C THR A 299 2.64 -1.80 17.41
N ILE A 300 1.99 -2.52 18.32
CA ILE A 300 2.61 -3.01 19.54
C ILE A 300 2.27 -4.51 19.73
N PRO A 301 3.00 -5.19 20.62
CA PRO A 301 2.60 -6.58 20.85
C PRO A 301 1.15 -6.70 21.33
N ARG A 302 0.44 -7.70 20.82
CA ARG A 302 -0.96 -7.88 21.17
C ARG A 302 -1.09 -8.12 22.68
N GLY A 303 -2.00 -7.38 23.29
CA GLY A 303 -2.21 -7.44 24.75
C GLY A 303 -1.47 -6.39 25.55
N ARG A 304 -0.65 -5.56 24.90
CA ARG A 304 0.12 -4.54 25.62
C ARG A 304 -0.49 -3.14 25.64
N MET A 305 -1.67 -3.00 25.04
CA MET A 305 -2.34 -1.71 24.93
C MET A 305 -2.53 -1.02 26.28
N LYS A 306 -2.93 -1.79 27.28
CA LYS A 306 -3.15 -1.24 28.63
C LYS A 306 -1.86 -0.78 29.32
N ASP A 307 -0.71 -1.20 28.78
CA ASP A 307 0.59 -0.86 29.35
C ASP A 307 1.27 0.33 28.67
N LEU A 308 0.66 0.83 27.60
CA LEU A 308 1.22 1.95 26.85
C LEU A 308 1.17 3.23 27.68
N LYS A 309 2.30 3.92 27.75
CA LYS A 309 2.39 5.21 28.45
C LYS A 309 2.81 6.26 27.45
N ALA A 310 2.35 7.49 27.64
CA ALA A 310 2.76 8.61 26.79
C ALA A 310 3.24 9.78 27.63
N SER A 311 4.23 10.49 27.11
CA SER A 311 4.76 11.69 27.77
C SER A 311 5.37 12.56 26.69
N TYR A 312 5.92 13.71 27.06
CA TYR A 312 6.49 14.59 26.04
C TYR A 312 7.69 15.38 26.54
N VAL A 313 8.46 15.86 25.58
CA VAL A 313 9.56 16.77 25.83
C VAL A 313 9.37 18.01 24.96
N LEU A 314 9.93 19.13 25.42
CA LEU A 314 9.81 20.39 24.69
C LEU A 314 11.16 20.79 24.13
N ASN A 315 11.17 21.35 22.93
CA ASN A 315 12.40 21.74 22.28
C ASN A 315 13.08 22.92 22.98
N SER A 316 12.24 23.86 23.41
CA SER A 316 12.70 25.13 23.99
C SER A 316 12.19 25.29 25.42
N SER A 317 12.92 26.07 26.22
CA SER A 317 12.53 26.31 27.60
C SER A 317 11.15 26.99 27.72
N GLU A 318 10.95 28.03 26.91
CA GLU A 318 9.71 28.82 26.94
C GLU A 318 9.08 28.84 25.56
N LEU A 319 7.75 28.91 25.53
CA LEU A 319 7.02 29.18 24.27
C LEU A 319 6.73 30.66 24.15
N HIS A 320 7.16 31.26 23.04
CA HIS A 320 6.89 32.68 22.75
C HIS A 320 6.04 32.87 21.50
N ALA A 321 4.92 33.59 21.66
CA ALA A 321 4.09 33.98 20.53
C ALA A 321 4.91 34.92 19.63
N PRO A 322 4.60 34.94 18.31
CA PRO A 322 3.52 34.19 17.66
C PRO A 322 3.85 32.71 17.45
N LEU A 323 2.83 31.87 17.64
CA LEU A 323 2.93 30.44 17.38
C LEU A 323 1.99 30.11 16.24
N GLN A 324 2.54 29.52 15.19
CA GLN A 324 1.75 29.11 14.02
C GLN A 324 1.03 27.80 14.30
N LYS A 325 -0.15 27.63 13.69
CA LYS A 325 -0.80 26.32 13.67
C LYS A 325 0.18 25.29 13.11
N ASN A 326 0.31 24.17 13.83
CA ASN A 326 1.18 23.05 13.44
C ASN A 326 2.69 23.30 13.57
N GLN A 327 3.05 24.38 14.26
CA GLN A 327 4.45 24.61 14.60
C GLN A 327 4.93 23.52 15.54
N VAL A 328 6.09 22.94 15.23
CA VAL A 328 6.67 21.86 16.04
C VAL A 328 7.38 22.44 17.27
N VAL A 329 6.99 21.96 18.44
CA VAL A 329 7.52 22.51 19.68
C VAL A 329 8.10 21.45 20.59
N GLY A 330 8.07 20.19 20.17
CA GLY A 330 8.51 19.10 21.02
C GLY A 330 8.28 17.75 20.39
N THR A 331 8.34 16.71 21.22
CA THR A 331 8.20 15.33 20.75
C THR A 331 7.36 14.58 21.77
N ILE A 332 6.39 13.80 21.27
CA ILE A 332 5.65 12.88 22.11
C ILE A 332 6.37 11.54 22.11
N ASN A 333 6.62 11.01 23.30
CA ASN A 333 7.22 9.69 23.49
C ASN A 333 6.16 8.69 23.94
N PHE A 334 6.01 7.60 23.19
CA PHE A 334 5.14 6.49 23.63
C PHE A 334 6.03 5.37 24.14
N GLN A 335 5.70 4.83 25.31
CA GLN A 335 6.58 3.92 26.03
C GLN A 335 5.91 2.61 26.43
N LEU A 336 6.69 1.54 26.41
CA LEU A 336 6.31 0.25 26.99
C LEU A 336 7.46 -0.23 27.85
N ASP A 337 7.14 -0.72 29.05
CA ASP A 337 8.15 -1.23 29.98
C ASP A 337 9.27 -0.22 30.22
N GLY A 338 8.88 1.05 30.35
CA GLY A 338 9.80 2.15 30.64
C GLY A 338 10.66 2.67 29.49
N LYS A 339 10.52 2.07 28.31
CA LYS A 339 11.35 2.43 27.16
C LYS A 339 10.49 3.05 26.05
N THR A 340 10.98 4.13 25.47
CA THR A 340 10.33 4.75 24.32
C THR A 340 10.36 3.80 23.13
N ILE A 341 9.18 3.50 22.61
CA ILE A 341 9.07 2.61 21.45
C ILE A 341 8.69 3.38 20.18
N GLU A 342 8.05 4.54 20.35
CA GLU A 342 7.59 5.39 19.24
C GLU A 342 7.66 6.87 19.62
N GLN A 343 8.05 7.71 18.65
CA GLN A 343 8.07 9.17 18.83
C GLN A 343 7.26 9.84 17.73
N ARG A 344 6.52 10.89 18.09
CA ARG A 344 5.79 11.70 17.10
C ARG A 344 5.96 13.19 17.40
N PRO A 345 6.00 14.06 16.39
CA PRO A 345 6.15 15.50 16.66
C PRO A 345 4.97 16.11 17.44
N LEU A 346 5.30 16.95 18.42
CA LEU A 346 4.31 17.67 19.22
C LEU A 346 4.20 19.07 18.62
N VAL A 347 2.99 19.45 18.23
CA VAL A 347 2.75 20.68 17.46
C VAL A 347 1.66 21.55 18.11
N VAL A 348 1.67 22.85 17.78
CA VAL A 348 0.65 23.78 18.25
C VAL A 348 -0.65 23.55 17.47
N LEU A 349 -1.76 23.34 18.16
CA LEU A 349 -3.04 22.99 17.51
C LEU A 349 -3.85 24.17 17.00
N GLN A 350 -3.84 25.26 17.77
CA GLN A 350 -4.58 26.48 17.41
C GLN A 350 -3.58 27.62 17.46
N GLU A 351 -3.52 28.42 16.38
CA GLU A 351 -2.59 29.55 16.25
C GLU A 351 -2.69 30.52 17.44
N ILE A 352 -1.54 31.02 17.88
CA ILE A 352 -1.48 32.04 18.92
C ILE A 352 -0.71 33.23 18.38
N PRO A 353 -1.43 34.27 17.90
CA PRO A 353 -0.68 35.44 17.47
C PRO A 353 -0.23 36.24 18.69
N GLU A 354 0.65 37.22 18.46
CA GLU A 354 1.03 38.18 19.50
C GLU A 354 -0.19 38.90 20.05
N GLY A 355 -0.13 39.26 21.33
CA GLY A 355 -1.25 39.92 22.00
C GLY A 355 -1.64 41.23 21.33
N ASN A 356 -2.95 41.48 21.28
CA ASN A 356 -3.48 42.73 20.74
C ASN A 356 -4.62 43.23 21.62
N PHE A 357 -4.38 44.31 22.34
CA PHE A 357 -5.31 44.78 23.38
C PHE A 357 -5.74 46.22 23.14
C7 IM2 B . 1.90 -11.30 -14.27
C2 IM2 B . -0.34 -15.06 -14.67
C6 IM2 B . 1.56 -12.13 -15.47
C5 IM2 B . 0.22 -12.83 -15.20
C3 IM2 B . -0.32 -14.38 -13.53
O7 IM2 B . 2.73 -11.65 -13.43
C61 IM2 B . 1.46 -11.19 -16.69
O62 IM2 B . 1.15 -11.92 -17.88
C62 IM2 B . 2.74 -10.38 -16.93
N4 IM2 B . 0.13 -13.15 -13.77
C31 IM2 B . -0.70 -14.81 -12.16
O31 IM2 B . -0.48 -14.02 -11.21
O32 IM2 B . -1.22 -15.93 -11.97
S21 IM2 B . -0.83 -16.65 -14.85
C22 IM2 B . -0.66 -17.15 -16.53
C23 IM2 B . -1.74 -16.50 -17.38
N24 IM2 B . -1.41 -16.85 -18.76
C25 IM2 B . -2.07 -17.70 -19.33
N26 IM2 B . -2.88 -18.43 -19.90
C1 IM2 B . 0.13 -14.22 -15.83
C1 GOL C . 13.21 5.04 -10.93
O1 GOL C . 12.56 5.54 -12.09
C2 GOL C . 14.40 5.95 -10.58
O2 GOL C . 15.42 5.31 -9.84
C3 GOL C . 13.89 7.15 -9.79
O3 GOL C . 13.46 8.14 -10.70
#